data_2YM0
#
_entry.id   2YM0
#
_cell.length_a   55.801
_cell.length_b   94.372
_cell.length_c   117.700
_cell.angle_alpha   90.00
_cell.angle_beta   90.00
_cell.angle_gamma   90.00
#
_symmetry.space_group_name_H-M   'P 21 21 21'
#
loop_
_entity.id
_entity.type
_entity.pdbx_description
1 polymer 'CELL INVASION PROTEIN SIPD'
2 non-polymer GLYCEROL
3 water water
#
_entity_poly.entity_id   1
_entity_poly.type   'polypeptide(L)'
_entity_poly.pdbx_seq_one_letter_code
;MGSSHHHHHHSSGLVPRGSHMAEIWDMVSQNISAIGDSYLGVYENVVAVYTDFYQAFSDILSKMGGWLLPGKDGNTVKLD
VTSLKNDLNSLVNKYNQINSNTVLFPAQSGSGVKVATEAEARQWLSELNLPNSCLKSYGSGYVVTVDLTPLQKMVQDIDG
LGAPGKDSKLEMDNAKYQAWQSGFKAQEENMKTTLQTLTQKYSNANSLYDNLVKVLSSTISSSLETAKSFLQG
;
_entity_poly.pdbx_strand_id   A,B
#
# COMPACT_ATOMS: atom_id res chain seq x y z
N MET A 21 -5.20 -19.68 -50.76
CA MET A 21 -4.84 -18.77 -49.63
C MET A 21 -6.11 -18.26 -48.92
N ALA A 22 -5.91 -17.62 -47.77
CA ALA A 22 -7.02 -17.05 -46.97
C ALA A 22 -6.69 -15.58 -46.68
N GLU A 23 -6.52 -14.82 -47.76
CA GLU A 23 -6.15 -13.40 -47.72
C GLU A 23 -7.00 -12.47 -46.87
N ILE A 24 -8.29 -12.76 -46.72
CA ILE A 24 -9.12 -11.90 -45.91
C ILE A 24 -8.81 -12.15 -44.44
N TRP A 25 -8.76 -13.42 -44.05
CA TRP A 25 -8.44 -13.76 -42.67
C TRP A 25 -7.11 -13.13 -42.28
N ASP A 26 -6.08 -13.28 -43.10
CA ASP A 26 -4.80 -12.68 -42.78
C ASP A 26 -5.06 -11.20 -42.52
N MET A 27 -5.66 -10.52 -43.49
CA MET A 27 -5.96 -9.10 -43.38
C MET A 27 -6.63 -8.81 -42.03
N VAL A 28 -7.63 -9.62 -41.68
CA VAL A 28 -8.36 -9.48 -40.41
C VAL A 28 -7.45 -9.62 -39.19
N SER A 29 -6.66 -10.70 -39.18
CA SER A 29 -5.74 -10.96 -38.09
C SER A 29 -4.76 -9.80 -37.91
N GLN A 30 -4.09 -9.41 -38.98
CA GLN A 30 -3.15 -8.32 -38.92
C GLN A 30 -3.78 -7.06 -38.38
N ASN A 31 -5.02 -6.79 -38.76
CA ASN A 31 -5.71 -5.59 -38.29
C ASN A 31 -6.02 -5.60 -36.82
N ILE A 32 -6.53 -6.73 -36.33
CA ILE A 32 -6.86 -6.85 -34.93
C ILE A 32 -5.59 -6.78 -34.08
N SER A 33 -4.56 -7.49 -34.50
CA SER A 33 -3.28 -7.50 -33.80
C SER A 33 -2.81 -6.07 -33.59
N ALA A 34 -2.75 -5.33 -34.68
CA ALA A 34 -2.29 -3.95 -34.63
C ALA A 34 -3.07 -3.12 -33.62
N ILE A 35 -4.36 -3.39 -33.49
CA ILE A 35 -5.17 -2.63 -32.55
C ILE A 35 -4.78 -2.97 -31.14
N GLY A 36 -4.64 -4.26 -30.86
CA GLY A 36 -4.26 -4.68 -29.53
C GLY A 36 -2.82 -4.34 -29.22
N ASP A 37 -1.98 -4.42 -30.25
CA ASP A 37 -0.57 -4.12 -30.09
C ASP A 37 -0.44 -2.65 -29.80
N SER A 38 -1.12 -1.85 -30.61
CA SER A 38 -1.09 -0.40 -30.44
C SER A 38 -1.42 -0.03 -28.99
N TYR A 39 -2.52 -0.59 -28.50
CA TYR A 39 -3.00 -0.37 -27.15
C TYR A 39 -1.93 -0.75 -26.15
N LEU A 40 -1.35 -1.94 -26.31
CA LEU A 40 -0.30 -2.40 -25.41
C LEU A 40 0.91 -1.49 -25.45
N GLY A 41 1.12 -0.85 -26.59
CA GLY A 41 2.24 0.05 -26.72
C GLY A 41 2.17 1.22 -25.76
N VAL A 42 1.06 1.97 -25.83
CA VAL A 42 0.88 3.11 -24.95
C VAL A 42 1.13 2.71 -23.52
N TYR A 43 0.52 1.61 -23.08
CA TYR A 43 0.69 1.17 -21.71
C TYR A 43 2.11 0.85 -21.33
N GLU A 44 2.86 0.24 -22.24
CA GLU A 44 4.24 -0.07 -21.91
C GLU A 44 4.93 1.24 -21.62
N ASN A 45 4.58 2.28 -22.36
CA ASN A 45 5.18 3.58 -22.12
C ASN A 45 4.74 4.16 -20.79
N VAL A 46 3.43 4.08 -20.51
CA VAL A 46 2.88 4.60 -19.25
C VAL A 46 3.62 3.95 -18.07
N VAL A 47 3.57 2.62 -18.02
CA VAL A 47 4.21 1.87 -16.95
C VAL A 47 5.68 2.21 -16.75
N ALA A 48 6.41 2.40 -17.83
CA ALA A 48 7.82 2.75 -17.72
C ALA A 48 7.95 4.08 -17.00
N VAL A 49 7.44 5.13 -17.64
CA VAL A 49 7.50 6.48 -17.09
C VAL A 49 7.11 6.54 -15.63
N TYR A 50 6.07 5.82 -15.23
CA TYR A 50 5.64 5.86 -13.84
C TYR A 50 6.53 5.06 -12.91
N THR A 51 6.83 3.81 -13.23
CA THR A 51 7.69 3.04 -12.33
C THR A 51 9.04 3.77 -12.18
N ASP A 52 9.51 4.39 -13.26
CA ASP A 52 10.76 5.14 -13.25
C ASP A 52 10.62 6.34 -12.32
N PHE A 53 9.51 7.06 -12.51
CA PHE A 53 9.18 8.24 -11.72
C PHE A 53 9.14 7.89 -10.24
N TYR A 54 8.47 6.80 -9.91
CA TYR A 54 8.37 6.39 -8.53
C TYR A 54 9.73 6.02 -7.97
N GLN A 55 10.57 5.42 -8.82
CA GLN A 55 11.91 5.03 -8.39
C GLN A 55 12.60 6.26 -7.81
N ALA A 56 12.49 7.38 -8.52
CA ALA A 56 13.12 8.62 -8.08
C ALA A 56 12.58 9.07 -6.73
N PHE A 57 11.32 8.80 -6.47
CA PHE A 57 10.69 9.18 -5.20
C PHE A 57 11.12 8.23 -4.09
N SER A 58 11.54 7.03 -4.48
CA SER A 58 11.98 6.04 -3.51
C SER A 58 13.38 6.42 -3.05
N ASP A 59 14.19 6.91 -3.98
CA ASP A 59 15.55 7.32 -3.63
C ASP A 59 15.48 8.44 -2.58
N ILE A 60 14.36 9.14 -2.53
CA ILE A 60 14.18 10.19 -1.55
C ILE A 60 13.77 9.54 -0.23
N LEU A 61 12.84 8.59 -0.29
CA LEU A 61 12.37 7.89 0.91
C LEU A 61 13.48 7.16 1.65
N SER A 62 14.51 6.73 0.93
CA SER A 62 15.61 6.03 1.57
C SER A 62 16.32 7.03 2.49
N LYS A 63 16.66 8.19 1.93
CA LYS A 63 17.36 9.25 2.66
C LYS A 63 16.54 9.74 3.85
N MET A 64 15.27 9.34 3.92
CA MET A 64 14.36 9.75 4.99
C MET A 64 14.91 9.62 6.40
N GLY A 65 15.50 8.46 6.72
CA GLY A 65 16.05 8.27 8.05
C GLY A 65 17.24 9.14 8.34
N GLY A 66 18.01 9.46 7.30
CA GLY A 66 19.18 10.31 7.45
C GLY A 66 18.89 11.77 7.69
N TRP A 67 17.61 12.14 7.69
CA TRP A 67 17.17 13.53 7.93
C TRP A 67 16.29 13.58 9.16
N LEU A 68 16.43 12.59 10.03
CA LEU A 68 15.66 12.56 11.26
C LEU A 68 16.65 12.39 12.42
N LEU A 69 16.41 13.09 13.52
CA LEU A 69 17.25 13.01 14.70
C LEU A 69 16.36 13.28 15.89
N PRO A 70 16.52 12.49 16.98
CA PRO A 70 15.67 12.73 18.14
C PRO A 70 16.05 14.03 18.82
N GLY A 71 15.06 14.70 19.41
CA GLY A 71 15.26 15.98 20.09
C GLY A 71 16.47 16.04 20.99
N LYS A 72 16.36 15.39 22.15
CA LYS A 72 17.43 15.35 23.14
C LYS A 72 17.15 14.12 23.99
N ASP A 73 15.92 14.10 24.52
CA ASP A 73 15.45 13.03 25.37
C ASP A 73 14.14 12.49 24.79
N GLY A 74 14.18 12.13 23.51
CA GLY A 74 13.00 11.59 22.85
C GLY A 74 11.71 12.27 23.25
N ASN A 75 11.80 13.53 23.66
CA ASN A 75 10.62 14.31 24.05
C ASN A 75 10.22 15.16 22.84
N THR A 76 11.11 15.15 21.83
CA THR A 76 10.93 15.88 20.57
C THR A 76 11.89 15.29 19.53
N VAL A 77 11.79 15.75 18.29
CA VAL A 77 12.66 15.29 17.21
C VAL A 77 13.00 16.46 16.30
N LYS A 78 14.15 16.35 15.64
CA LYS A 78 14.63 17.39 14.74
C LYS A 78 14.63 16.83 13.32
N LEU A 79 13.79 17.42 12.47
CA LEU A 79 13.65 16.99 11.08
C LEU A 79 14.26 17.97 10.09
N ASP A 80 15.07 17.45 9.17
CA ASP A 80 15.73 18.29 8.17
C ASP A 80 14.75 18.65 7.06
N VAL A 81 13.81 19.53 7.38
CA VAL A 81 12.81 19.96 6.42
C VAL A 81 13.43 20.55 5.16
N THR A 82 14.57 21.22 5.30
CA THR A 82 15.21 21.80 4.14
C THR A 82 15.63 20.73 3.12
N SER A 83 16.60 19.89 3.48
CA SER A 83 17.05 18.84 2.57
C SER A 83 15.87 18.13 1.90
N LEU A 84 14.95 17.66 2.73
CA LEU A 84 13.76 16.96 2.24
C LEU A 84 12.98 17.82 1.24
N LYS A 85 12.47 18.95 1.69
CA LYS A 85 11.75 19.85 0.82
C LYS A 85 12.50 20.14 -0.50
N ASN A 86 13.83 20.22 -0.45
CA ASN A 86 14.60 20.51 -1.64
C ASN A 86 14.68 19.38 -2.63
N ASP A 87 14.68 18.14 -2.14
CA ASP A 87 14.74 16.96 -3.00
C ASP A 87 13.36 16.73 -3.60
N LEU A 88 12.33 17.03 -2.81
CA LEU A 88 10.97 16.90 -3.28
C LEU A 88 10.80 17.88 -4.43
N ASN A 89 11.15 19.14 -4.19
CA ASN A 89 11.03 20.15 -5.24
C ASN A 89 11.82 19.77 -6.50
N SER A 90 13.03 19.22 -6.31
CA SER A 90 13.82 18.81 -7.46
C SER A 90 13.04 17.82 -8.28
N LEU A 91 12.49 16.81 -7.61
CA LEU A 91 11.71 15.79 -8.29
C LEU A 91 10.51 16.43 -9.00
N VAL A 92 9.74 17.24 -8.27
CA VAL A 92 8.59 17.93 -8.85
C VAL A 92 8.97 18.78 -10.06
N ASN A 93 10.13 19.41 -10.04
CA ASN A 93 10.54 20.22 -11.16
C ASN A 93 10.98 19.37 -12.35
N LYS A 94 11.61 18.23 -12.06
CA LYS A 94 12.09 17.34 -13.11
C LYS A 94 10.92 16.80 -13.91
N TYR A 95 9.89 16.36 -13.20
CA TYR A 95 8.71 15.79 -13.83
C TYR A 95 7.61 16.81 -14.14
N ASN A 96 7.91 18.09 -13.94
CA ASN A 96 6.96 19.15 -14.24
C ASN A 96 7.24 19.57 -15.68
N GLN A 97 8.32 19.01 -16.21
CA GLN A 97 8.75 19.27 -17.58
C GLN A 97 7.90 18.44 -18.55
N ILE A 98 8.37 18.36 -19.79
CA ILE A 98 7.69 17.61 -20.84
C ILE A 98 8.75 16.97 -21.74
N ASN A 99 8.83 15.64 -21.69
CA ASN A 99 9.79 14.90 -22.51
C ASN A 99 9.62 13.39 -22.31
N SER A 100 10.41 12.62 -23.05
CA SER A 100 10.36 11.17 -23.02
C SER A 100 10.44 10.55 -21.64
N ASN A 101 10.62 11.39 -20.62
CA ASN A 101 10.73 10.91 -19.24
C ASN A 101 9.59 11.35 -18.35
N THR A 102 8.78 12.29 -18.82
CA THR A 102 7.70 12.79 -18.00
C THR A 102 6.29 12.64 -18.54
N VAL A 103 6.16 12.36 -19.84
CA VAL A 103 4.83 12.22 -20.44
C VAL A 103 4.38 10.77 -20.59
N LEU A 104 3.13 10.53 -20.20
CA LEU A 104 2.54 9.19 -20.28
C LEU A 104 1.90 8.97 -21.65
N PHE A 105 1.29 10.01 -22.18
CA PHE A 105 0.63 9.95 -23.48
C PHE A 105 0.72 11.30 -24.19
N PRO A 106 1.08 11.30 -25.47
CA PRO A 106 1.43 10.14 -26.28
C PRO A 106 2.90 9.84 -26.02
N ALA A 107 3.39 8.74 -26.60
CA ALA A 107 4.79 8.39 -26.41
C ALA A 107 5.67 9.46 -27.08
N GLN A 108 6.65 9.95 -26.33
CA GLN A 108 7.54 10.96 -26.87
C GLN A 108 8.73 10.31 -27.56
N SER A 109 9.18 10.93 -28.64
CA SER A 109 10.31 10.39 -29.37
C SER A 109 11.05 11.45 -30.17
N GLY A 110 12.35 11.49 -29.94
CA GLY A 110 13.23 12.41 -30.66
C GLY A 110 13.11 13.90 -30.48
N SER A 111 13.10 14.59 -31.61
CA SER A 111 13.01 16.04 -31.64
C SER A 111 11.60 16.60 -31.45
N GLY A 112 11.51 17.69 -30.69
CA GLY A 112 10.23 18.32 -30.43
C GLY A 112 9.21 17.43 -29.74
N VAL A 113 8.27 18.06 -29.04
CA VAL A 113 7.22 17.33 -28.33
C VAL A 113 6.16 16.77 -29.24
N LYS A 114 5.63 15.60 -28.88
CA LYS A 114 4.57 14.97 -29.66
C LYS A 114 3.28 15.17 -28.89
N VAL A 115 2.32 15.85 -29.51
CA VAL A 115 1.04 16.13 -28.86
C VAL A 115 -0.17 15.44 -29.45
N ALA A 116 -1.24 15.39 -28.65
CA ALA A 116 -2.50 14.77 -29.05
C ALA A 116 -3.67 15.74 -28.91
N THR A 117 -4.79 15.38 -29.51
CA THR A 117 -6.00 16.19 -29.47
C THR A 117 -6.53 16.17 -28.04
N GLU A 118 -7.13 17.27 -27.60
CA GLU A 118 -7.67 17.31 -26.24
C GLU A 118 -8.54 16.07 -26.00
N ALA A 119 -9.35 15.70 -26.99
CA ALA A 119 -10.23 14.54 -26.85
C ALA A 119 -9.44 13.25 -26.62
N GLU A 120 -8.41 13.04 -27.44
CA GLU A 120 -7.57 11.86 -27.32
C GLU A 120 -6.99 11.81 -25.91
N ALA A 121 -6.49 12.95 -25.44
CA ALA A 121 -5.91 13.04 -24.11
C ALA A 121 -6.95 12.68 -23.05
N ARG A 122 -8.02 13.46 -22.99
CA ARG A 122 -9.08 13.23 -22.03
C ARG A 122 -9.54 11.79 -22.00
N GLN A 123 -9.42 11.12 -23.14
CA GLN A 123 -9.83 9.74 -23.19
C GLN A 123 -8.86 8.92 -22.35
N TRP A 124 -7.58 9.07 -22.62
CA TRP A 124 -6.58 8.35 -21.86
C TRP A 124 -6.62 8.78 -20.41
N LEU A 125 -6.94 10.05 -20.21
CA LEU A 125 -7.04 10.58 -18.86
C LEU A 125 -8.03 9.74 -18.08
N SER A 126 -9.08 9.29 -18.76
CA SER A 126 -10.11 8.49 -18.12
C SER A 126 -9.72 7.03 -18.07
N GLU A 127 -9.06 6.57 -19.13
CA GLU A 127 -8.61 5.20 -19.24
C GLU A 127 -7.63 4.88 -18.12
N LEU A 128 -6.67 5.77 -17.93
CA LEU A 128 -5.66 5.58 -16.89
C LEU A 128 -6.22 5.95 -15.54
N ASN A 129 -7.43 6.50 -15.55
CA ASN A 129 -8.08 6.90 -14.32
C ASN A 129 -7.15 7.84 -13.56
N LEU A 130 -6.86 8.97 -14.18
CA LEU A 130 -5.99 9.99 -13.61
C LEU A 130 -6.77 11.29 -13.53
N PRO A 131 -6.38 12.18 -12.62
CA PRO A 131 -7.07 13.45 -12.45
C PRO A 131 -6.80 14.46 -13.57
N ASN A 132 -7.66 15.47 -13.66
CA ASN A 132 -7.52 16.51 -14.66
C ASN A 132 -6.19 17.24 -14.52
N SER A 133 -5.63 17.24 -13.33
CA SER A 133 -4.36 17.90 -13.10
C SER A 133 -3.25 17.28 -13.97
N CYS A 134 -3.46 16.04 -14.39
CA CYS A 134 -2.49 15.32 -15.22
C CYS A 134 -2.55 15.70 -16.69
N LEU A 135 -3.52 16.53 -17.05
CA LEU A 135 -3.67 16.95 -18.42
C LEU A 135 -3.00 18.30 -18.65
N LYS A 136 -2.01 18.32 -19.52
CA LYS A 136 -1.31 19.55 -19.81
C LYS A 136 -1.37 19.91 -21.29
N SER A 137 -1.35 21.20 -21.58
CA SER A 137 -1.40 21.64 -22.96
C SER A 137 -0.02 22.04 -23.45
N TYR A 138 0.27 21.71 -24.70
CA TYR A 138 1.53 22.07 -25.32
C TYR A 138 1.21 22.58 -26.71
N GLY A 139 1.37 23.89 -26.90
CA GLY A 139 1.08 24.48 -28.20
C GLY A 139 -0.24 24.03 -28.79
N SER A 140 -0.17 23.45 -29.98
CA SER A 140 -1.37 23.03 -30.68
C SER A 140 -2.18 21.91 -30.02
N GLY A 141 -1.52 21.07 -29.22
CA GLY A 141 -2.22 19.97 -28.58
C GLY A 141 -2.05 19.82 -27.08
N TYR A 142 -2.30 18.60 -26.61
CA TYR A 142 -2.19 18.28 -25.19
C TYR A 142 -1.35 17.02 -24.99
N VAL A 143 -1.05 16.74 -23.72
CA VAL A 143 -0.28 15.57 -23.32
C VAL A 143 -0.73 15.17 -21.92
N VAL A 144 -0.42 13.95 -21.52
CA VAL A 144 -0.79 13.48 -20.19
C VAL A 144 0.47 13.23 -19.38
N THR A 145 0.57 13.88 -18.22
CA THR A 145 1.74 13.73 -17.37
C THR A 145 1.41 13.03 -16.06
N VAL A 146 2.46 12.66 -15.33
CA VAL A 146 2.32 11.99 -14.05
C VAL A 146 1.63 12.92 -13.05
N ASP A 147 0.97 12.37 -12.04
CA ASP A 147 0.29 13.19 -11.04
C ASP A 147 1.24 13.72 -9.96
N LEU A 148 1.44 15.03 -9.92
CA LEU A 148 2.34 15.62 -8.94
C LEU A 148 1.65 16.20 -7.71
N THR A 149 0.32 16.21 -7.72
CA THR A 149 -0.39 16.77 -6.59
C THR A 149 0.08 16.21 -5.27
N PRO A 150 0.40 14.92 -5.22
CA PRO A 150 0.88 14.33 -3.96
C PRO A 150 2.15 15.04 -3.48
N LEU A 151 3.21 14.99 -4.28
CA LEU A 151 4.47 15.64 -3.92
C LEU A 151 4.22 17.11 -3.54
N GLN A 152 3.47 17.81 -4.35
CA GLN A 152 3.15 19.21 -4.10
C GLN A 152 2.49 19.33 -2.73
N LYS A 153 1.51 18.46 -2.45
CA LYS A 153 0.83 18.49 -1.15
C LYS A 153 1.86 18.27 -0.05
N MET A 154 2.77 17.31 -0.26
CA MET A 154 3.81 17.05 0.72
C MET A 154 4.54 18.33 1.03
N VAL A 155 5.14 18.91 0.00
CA VAL A 155 5.88 20.16 0.15
C VAL A 155 5.06 21.24 0.83
N GLN A 156 3.75 21.26 0.58
CA GLN A 156 2.92 22.28 1.21
C GLN A 156 2.94 22.08 2.72
N ASP A 157 2.65 20.84 3.15
CA ASP A 157 2.62 20.49 4.57
C ASP A 157 3.96 20.76 5.26
N ILE A 158 5.06 20.35 4.64
CA ILE A 158 6.36 20.60 5.22
C ILE A 158 6.49 22.09 5.54
N ASP A 159 5.92 22.93 4.66
CA ASP A 159 5.98 24.37 4.89
C ASP A 159 5.00 24.74 6.00
N GLY A 160 3.95 23.94 6.15
CA GLY A 160 2.95 24.19 7.16
C GLY A 160 3.43 23.94 8.57
N LEU A 161 4.55 23.22 8.70
CA LEU A 161 5.12 22.91 10.01
C LEU A 161 5.72 24.13 10.66
N GLY A 162 6.11 25.10 9.86
CA GLY A 162 6.69 26.31 10.39
C GLY A 162 8.11 26.47 9.91
N ALA A 163 8.68 27.66 10.12
CA ALA A 163 10.06 27.94 9.70
C ALA A 163 11.10 27.22 10.54
N PRO A 164 12.15 26.73 9.89
CA PRO A 164 13.21 26.01 10.60
C PRO A 164 14.07 26.94 11.45
N GLY A 165 14.98 26.34 12.22
CA GLY A 165 15.87 27.11 13.05
C GLY A 165 17.03 27.59 12.22
N LYS A 166 17.97 28.30 12.83
CA LYS A 166 19.10 28.82 12.09
C LYS A 166 19.95 27.70 11.48
N ASP A 167 19.66 26.45 11.85
CA ASP A 167 20.42 25.34 11.29
C ASP A 167 19.66 24.73 10.11
N SER A 168 18.58 25.39 9.70
CA SER A 168 17.75 24.95 8.61
C SER A 168 16.96 23.68 8.89
N LYS A 169 17.10 23.15 10.10
CA LYS A 169 16.38 21.95 10.53
C LYS A 169 15.28 22.39 11.46
N LEU A 170 14.24 21.58 11.61
CA LEU A 170 13.16 21.95 12.51
C LEU A 170 12.94 20.97 13.62
N GLU A 171 13.12 21.41 14.85
CA GLU A 171 12.92 20.54 16.00
C GLU A 171 11.46 20.67 16.41
N MET A 172 10.77 19.53 16.46
CA MET A 172 9.37 19.51 16.83
C MET A 172 9.07 18.33 17.76
N ASP A 173 8.07 18.50 18.62
CA ASP A 173 7.68 17.47 19.56
C ASP A 173 7.00 16.32 18.83
N ASN A 174 7.02 15.14 19.44
CA ASN A 174 6.46 13.93 18.85
C ASN A 174 5.01 13.98 18.41
N ALA A 175 4.18 14.74 19.12
CA ALA A 175 2.78 14.85 18.72
C ALA A 175 2.81 15.31 17.27
N LYS A 176 3.27 16.54 17.09
CA LYS A 176 3.39 17.19 15.79
C LYS A 176 4.10 16.30 14.76
N TYR A 177 5.27 15.78 15.13
CA TYR A 177 6.01 14.94 14.21
C TYR A 177 5.17 13.83 13.60
N GLN A 178 4.68 12.94 14.44
CA GLN A 178 3.89 11.82 13.97
C GLN A 178 2.58 12.20 13.31
N ALA A 179 2.12 13.42 13.57
CA ALA A 179 0.89 13.87 12.93
C ALA A 179 1.28 14.15 11.47
N TRP A 180 2.27 15.02 11.31
CA TRP A 180 2.79 15.35 9.98
C TRP A 180 3.06 14.06 9.22
N GLN A 181 3.86 13.19 9.83
CA GLN A 181 4.23 11.95 9.21
C GLN A 181 3.09 11.06 8.80
N SER A 182 1.93 11.18 9.44
CA SER A 182 0.81 10.35 9.03
C SER A 182 0.39 10.92 7.67
N GLY A 183 0.18 12.24 7.66
CA GLY A 183 -0.23 12.92 6.45
C GLY A 183 0.76 12.75 5.33
N PHE A 184 2.03 12.55 5.67
CA PHE A 184 3.06 12.38 4.65
C PHE A 184 2.92 11.02 3.99
N LYS A 185 2.62 10.01 4.78
CA LYS A 185 2.45 8.68 4.22
C LYS A 185 1.11 8.54 3.53
N ALA A 186 0.18 9.45 3.82
CA ALA A 186 -1.11 9.42 3.14
C ALA A 186 -0.81 9.73 1.68
N GLN A 187 -0.01 10.76 1.45
CA GLN A 187 0.36 11.16 0.10
C GLN A 187 1.26 10.12 -0.52
N GLU A 188 2.18 9.55 0.26
CA GLU A 188 3.06 8.52 -0.26
C GLU A 188 2.22 7.36 -0.79
N GLU A 189 1.12 7.07 -0.11
CA GLU A 189 0.23 5.98 -0.50
C GLU A 189 -0.54 6.32 -1.76
N ASN A 190 -0.99 7.56 -1.88
CA ASN A 190 -1.72 7.96 -3.07
C ASN A 190 -0.92 7.58 -4.31
N MET A 191 0.35 7.94 -4.31
CA MET A 191 1.21 7.63 -5.43
C MET A 191 1.37 6.12 -5.55
N LYS A 192 1.40 5.43 -4.42
CA LYS A 192 1.54 3.97 -4.43
C LYS A 192 0.35 3.36 -5.17
N THR A 193 -0.84 3.89 -4.89
CA THR A 193 -2.09 3.44 -5.48
C THR A 193 -2.10 3.63 -6.98
N THR A 194 -1.70 4.81 -7.44
CA THR A 194 -1.68 5.11 -8.86
C THR A 194 -0.79 4.12 -9.62
N LEU A 195 0.44 3.96 -9.13
CA LEU A 195 1.39 3.03 -9.75
C LEU A 195 0.84 1.61 -9.80
N GLN A 196 -0.03 1.26 -8.87
CA GLN A 196 -0.61 -0.08 -8.88
C GLN A 196 -1.66 -0.09 -9.98
N THR A 197 -2.64 0.80 -9.84
CA THR A 197 -3.73 0.92 -10.82
C THR A 197 -3.22 0.81 -12.25
N LEU A 198 -2.16 1.57 -12.54
CA LEU A 198 -1.58 1.59 -13.87
C LEU A 198 -0.86 0.31 -14.24
N THR A 199 -0.46 -0.47 -13.26
CA THR A 199 0.23 -1.70 -13.57
C THR A 199 -0.76 -2.81 -13.79
N GLN A 200 -1.86 -2.76 -13.04
CA GLN A 200 -2.88 -3.75 -13.22
C GLN A 200 -3.39 -3.55 -14.64
N LYS A 201 -3.79 -2.31 -14.96
CA LYS A 201 -4.30 -1.98 -16.28
C LYS A 201 -3.32 -2.38 -17.38
N TYR A 202 -2.03 -2.21 -17.14
CA TYR A 202 -1.03 -2.60 -18.13
C TYR A 202 -0.99 -4.13 -18.24
N SER A 203 -1.21 -4.80 -17.12
CA SER A 203 -1.19 -6.23 -17.11
C SER A 203 -2.35 -6.79 -17.95
N ASN A 204 -3.50 -6.13 -17.89
CA ASN A 204 -4.70 -6.54 -18.63
C ASN A 204 -4.48 -6.30 -20.12
N ALA A 205 -3.93 -5.14 -20.42
CA ALA A 205 -3.65 -4.75 -21.78
C ALA A 205 -2.74 -5.82 -22.35
N ASN A 206 -1.70 -6.15 -21.61
CA ASN A 206 -0.78 -7.15 -22.07
C ASN A 206 -1.41 -8.54 -22.17
N SER A 207 -2.23 -8.93 -21.19
CA SER A 207 -2.87 -10.24 -21.25
C SER A 207 -3.66 -10.28 -22.54
N LEU A 208 -4.49 -9.26 -22.75
CA LEU A 208 -5.31 -9.13 -23.94
C LEU A 208 -4.54 -9.35 -25.24
N TYR A 209 -3.40 -8.68 -25.39
CA TYR A 209 -2.62 -8.85 -26.61
C TYR A 209 -2.26 -10.31 -26.81
N ASP A 210 -1.81 -10.98 -25.75
CA ASP A 210 -1.45 -12.38 -25.86
C ASP A 210 -2.65 -13.26 -26.18
N ASN A 211 -3.82 -12.93 -25.63
CA ASN A 211 -5.01 -13.73 -25.91
C ASN A 211 -5.44 -13.57 -27.36
N LEU A 212 -5.42 -12.33 -27.85
CA LEU A 212 -5.81 -12.07 -29.23
C LEU A 212 -5.01 -12.97 -30.15
N VAL A 213 -3.70 -12.97 -29.95
CA VAL A 213 -2.82 -13.78 -30.78
C VAL A 213 -3.17 -15.25 -30.78
N LYS A 214 -3.44 -15.84 -29.61
CA LYS A 214 -3.81 -17.26 -29.55
C LYS A 214 -5.09 -17.48 -30.34
N VAL A 215 -6.07 -16.63 -30.09
CA VAL A 215 -7.35 -16.73 -30.78
C VAL A 215 -7.18 -16.64 -32.28
N LEU A 216 -6.18 -15.89 -32.74
CA LEU A 216 -5.96 -15.72 -34.17
C LEU A 216 -5.01 -16.74 -34.79
N SER A 217 -4.09 -17.27 -34.01
CA SER A 217 -3.12 -18.25 -34.51
C SER A 217 -3.74 -19.62 -34.55
N SER A 218 -4.89 -19.76 -33.91
CA SER A 218 -5.59 -21.03 -33.86
C SER A 218 -7.05 -20.86 -34.24
N THR A 219 -7.32 -20.49 -35.42
N MET B 21 -21.82 15.81 45.87
CA MET B 21 -23.23 16.17 46.22
C MET B 21 -24.25 15.26 45.50
N ALA B 22 -24.30 15.34 44.17
CA ALA B 22 -25.22 14.53 43.36
C ALA B 22 -24.62 13.15 43.17
N GLU B 23 -24.53 12.39 44.27
CA GLU B 23 -23.95 11.05 44.30
C GLU B 23 -24.38 10.06 43.23
N ILE B 24 -25.68 9.91 43.04
CA ILE B 24 -26.16 8.96 42.04
C ILE B 24 -25.69 9.35 40.63
N TRP B 25 -25.66 10.64 40.33
CA TRP B 25 -25.21 11.07 39.01
C TRP B 25 -23.76 10.68 38.80
N ASP B 26 -22.93 10.83 39.83
CA ASP B 26 -21.53 10.48 39.71
C ASP B 26 -21.43 8.98 39.49
N MET B 27 -22.19 8.22 40.25
CA MET B 27 -22.19 6.77 40.13
C MET B 27 -22.58 6.37 38.69
N VAL B 28 -23.59 7.03 38.13
CA VAL B 28 -24.03 6.75 36.76
C VAL B 28 -22.91 7.04 35.76
N SER B 29 -22.23 8.15 36.00
CA SER B 29 -21.12 8.58 35.15
C SER B 29 -19.97 7.60 35.18
N GLN B 30 -19.62 7.09 36.35
CA GLN B 30 -18.51 6.13 36.46
C GLN B 30 -18.88 4.83 35.77
N ASN B 31 -20.06 4.31 36.06
CA ASN B 31 -20.51 3.05 35.46
C ASN B 31 -20.43 3.11 33.94
N ILE B 32 -20.92 4.20 33.37
CA ILE B 32 -20.89 4.38 31.92
C ILE B 32 -19.46 4.49 31.38
N SER B 33 -18.66 5.37 31.97
CA SER B 33 -17.28 5.52 31.53
C SER B 33 -16.51 4.19 31.61
N ALA B 34 -16.83 3.38 32.61
CA ALA B 34 -16.19 2.09 32.77
C ALA B 34 -16.48 1.24 31.54
N ILE B 35 -17.70 1.34 31.02
CA ILE B 35 -18.11 0.58 29.86
C ILE B 35 -17.37 1.12 28.64
N GLY B 36 -17.31 2.45 28.53
CA GLY B 36 -16.62 3.05 27.40
C GLY B 36 -15.15 2.69 27.48
N ASP B 37 -14.63 2.73 28.68
CA ASP B 37 -13.24 2.42 28.95
C ASP B 37 -12.84 1.03 28.48
N SER B 38 -13.50 0.01 29.02
CA SER B 38 -13.19 -1.37 28.69
C SER B 38 -13.29 -1.69 27.20
N TYR B 39 -14.28 -1.09 26.54
CA TYR B 39 -14.51 -1.30 25.12
C TYR B 39 -13.36 -0.71 24.30
N LEU B 40 -13.03 0.55 24.57
CA LEU B 40 -11.92 1.20 23.87
C LEU B 40 -10.63 0.46 24.21
N GLY B 41 -10.50 0.06 25.47
CA GLY B 41 -9.33 -0.67 25.91
C GLY B 41 -9.04 -1.90 25.06
N VAL B 42 -10.09 -2.68 24.77
CA VAL B 42 -9.94 -3.88 23.96
C VAL B 42 -9.47 -3.51 22.56
N TYR B 43 -10.10 -2.49 21.99
CA TYR B 43 -9.76 -2.05 20.64
C TYR B 43 -8.34 -1.52 20.51
N GLU B 44 -7.85 -0.81 21.52
CA GLU B 44 -6.49 -0.29 21.44
C GLU B 44 -5.49 -1.43 21.47
N ASN B 45 -5.90 -2.55 22.06
CA ASN B 45 -5.04 -3.73 22.13
C ASN B 45 -5.09 -4.42 20.77
N VAL B 46 -6.28 -4.45 20.19
CA VAL B 46 -6.52 -5.07 18.88
C VAL B 46 -5.72 -4.41 17.77
N VAL B 47 -5.89 -3.10 17.65
CA VAL B 47 -5.21 -2.32 16.63
C VAL B 47 -3.71 -2.33 16.81
N ALA B 48 -3.26 -2.41 18.06
CA ALA B 48 -1.83 -2.43 18.34
C ALA B 48 -1.19 -3.71 17.80
N VAL B 49 -1.77 -4.85 18.14
CA VAL B 49 -1.24 -6.13 17.68
C VAL B 49 -1.29 -6.22 16.15
N TYR B 50 -2.42 -5.87 15.56
CA TYR B 50 -2.59 -5.95 14.12
C TYR B 50 -1.73 -4.94 13.35
N THR B 51 -1.43 -3.82 13.98
CA THR B 51 -0.61 -2.82 13.34
C THR B 51 0.83 -3.32 13.28
N ASP B 52 1.27 -3.99 14.33
CA ASP B 52 2.62 -4.55 14.36
C ASP B 52 2.67 -5.74 13.40
N PHE B 53 1.58 -6.50 13.36
CA PHE B 53 1.48 -7.65 12.48
C PHE B 53 1.64 -7.19 11.04
N TYR B 54 0.94 -6.13 10.67
CA TYR B 54 1.04 -5.65 9.30
C TYR B 54 2.44 -5.11 9.02
N GLN B 55 3.02 -4.44 10.01
CA GLN B 55 4.35 -3.88 9.82
C GLN B 55 5.35 -4.98 9.49
N ALA B 56 5.31 -6.08 10.25
CA ALA B 56 6.22 -7.21 10.04
C ALA B 56 6.13 -7.71 8.61
N PHE B 57 4.90 -7.96 8.16
CA PHE B 57 4.62 -8.42 6.80
C PHE B 57 5.04 -7.35 5.81
N SER B 58 4.84 -6.10 6.21
CA SER B 58 5.18 -4.96 5.37
C SER B 58 6.68 -4.99 5.05
N ASP B 59 7.50 -5.21 6.08
CA ASP B 59 8.95 -5.25 5.89
C ASP B 59 9.34 -6.36 4.93
N ILE B 60 8.55 -7.41 4.88
CA ILE B 60 8.82 -8.52 3.96
C ILE B 60 8.64 -8.02 2.54
N LEU B 61 7.82 -6.98 2.39
CA LEU B 61 7.56 -6.41 1.07
C LEU B 61 8.72 -5.50 0.63
N SER B 62 9.53 -5.09 1.59
CA SER B 62 10.69 -4.25 1.29
C SER B 62 11.72 -5.10 0.55
N LYS B 63 11.82 -6.36 0.94
CA LYS B 63 12.76 -7.28 0.32
C LYS B 63 12.36 -7.69 -1.10
N MET B 64 11.13 -7.38 -1.49
CA MET B 64 10.61 -7.73 -2.82
C MET B 64 11.45 -7.36 -4.03
N GLY B 65 12.13 -6.22 -3.98
CA GLY B 65 12.96 -5.81 -5.10
C GLY B 65 14.14 -6.73 -5.27
N GLY B 66 14.95 -6.85 -4.22
CA GLY B 66 16.12 -7.70 -4.26
C GLY B 66 15.82 -9.15 -4.63
N TRP B 67 14.57 -9.57 -4.54
CA TRP B 67 14.21 -10.96 -4.86
C TRP B 67 13.67 -11.19 -6.26
N LEU B 68 13.73 -10.17 -7.10
CA LEU B 68 13.24 -10.29 -8.46
C LEU B 68 14.27 -9.77 -9.46
N LEU B 69 14.79 -10.68 -10.29
CA LEU B 69 15.77 -10.36 -11.31
C LEU B 69 15.13 -10.54 -12.68
N PRO B 70 15.17 -9.51 -13.52
CA PRO B 70 14.58 -9.58 -14.86
C PRO B 70 15.25 -10.63 -15.75
N GLY B 71 14.43 -11.34 -16.52
CA GLY B 71 14.94 -12.38 -17.40
C GLY B 71 15.94 -11.82 -18.40
N LYS B 72 16.84 -12.68 -18.88
CA LYS B 72 17.86 -12.27 -19.83
C LYS B 72 17.30 -11.32 -20.90
N ASP B 73 16.25 -11.76 -21.61
CA ASP B 73 15.65 -10.94 -22.67
C ASP B 73 14.24 -10.45 -22.34
N GLY B 74 14.03 -9.94 -21.14
CA GLY B 74 12.72 -9.44 -20.75
C GLY B 74 11.57 -10.33 -21.19
N ASN B 75 11.85 -11.63 -21.32
CA ASN B 75 10.85 -12.60 -21.73
C ASN B 75 10.57 -13.59 -20.60
N THR B 76 11.37 -13.49 -19.53
CA THR B 76 11.24 -14.35 -18.36
C THR B 76 11.71 -13.59 -17.12
N VAL B 77 11.56 -14.22 -15.96
CA VAL B 77 11.99 -13.62 -14.69
C VAL B 77 12.45 -14.69 -13.72
N LYS B 78 13.42 -14.32 -12.88
CA LYS B 78 13.96 -15.23 -11.88
C LYS B 78 13.60 -14.72 -10.49
N LEU B 79 12.50 -15.25 -9.97
CA LEU B 79 11.98 -14.90 -8.65
C LEU B 79 12.62 -15.76 -7.57
N ASP B 80 12.96 -15.14 -6.44
CA ASP B 80 13.59 -15.89 -5.35
C ASP B 80 12.55 -16.44 -4.38
N VAL B 81 11.73 -17.36 -4.88
CA VAL B 81 10.69 -17.97 -4.07
C VAL B 81 11.22 -18.52 -2.76
N THR B 82 12.45 -19.01 -2.77
CA THR B 82 13.00 -19.57 -1.55
C THR B 82 13.16 -18.56 -0.43
N SER B 83 13.80 -17.42 -0.70
CA SER B 83 13.96 -16.41 0.33
C SER B 83 12.63 -15.84 0.79
N LEU B 84 11.71 -15.71 -0.17
CA LEU B 84 10.38 -15.16 0.10
C LEU B 84 9.60 -16.12 0.99
N LYS B 85 9.39 -17.32 0.47
CA LYS B 85 8.64 -18.37 1.18
C LYS B 85 9.16 -18.57 2.61
N ASN B 86 10.45 -18.32 2.83
CA ASN B 86 10.98 -18.48 4.18
C ASN B 86 10.50 -17.35 5.06
N ASP B 87 10.76 -16.10 4.67
CA ASP B 87 10.33 -14.94 5.46
C ASP B 87 8.82 -14.95 5.70
N LEU B 88 8.07 -15.51 4.75
CA LEU B 88 6.63 -15.62 4.88
C LEU B 88 6.33 -16.64 5.97
N ASN B 89 6.87 -17.84 5.82
CA ASN B 89 6.64 -18.88 6.82
C ASN B 89 7.10 -18.49 8.22
N SER B 90 8.05 -17.58 8.32
CA SER B 90 8.51 -17.16 9.64
C SER B 90 7.35 -16.41 10.30
N LEU B 91 6.92 -15.34 9.65
CA LEU B 91 5.81 -14.51 10.13
C LEU B 91 4.65 -15.41 10.53
N VAL B 92 4.26 -16.31 9.62
CA VAL B 92 3.16 -17.23 9.88
C VAL B 92 3.34 -17.94 11.22
N ASN B 93 4.48 -18.58 11.41
CA ASN B 93 4.71 -19.29 12.65
C ASN B 93 4.83 -18.41 13.87
N LYS B 94 5.21 -17.15 13.67
CA LYS B 94 5.33 -16.23 14.80
C LYS B 94 3.97 -15.84 15.36
N TYR B 95 2.99 -15.64 14.47
CA TYR B 95 1.65 -15.25 14.89
C TYR B 95 0.71 -16.42 15.02
N ASN B 96 1.27 -17.61 14.88
CA ASN B 96 0.53 -18.84 15.01
C ASN B 96 0.56 -19.20 16.49
N GLN B 97 1.50 -18.57 17.19
CA GLN B 97 1.67 -18.77 18.63
C GLN B 97 0.51 -18.12 19.37
N ILE B 98 0.67 -17.97 20.67
CA ILE B 98 -0.33 -17.34 21.53
C ILE B 98 0.37 -16.58 22.66
N ASN B 99 0.31 -15.25 22.63
CA ASN B 99 0.95 -14.44 23.66
C ASN B 99 0.60 -12.97 23.44
N SER B 100 1.06 -12.09 24.34
CA SER B 100 0.75 -10.67 24.23
C SER B 100 1.23 -9.98 22.95
N ASN B 101 1.66 -10.78 21.97
CA ASN B 101 2.12 -10.25 20.70
C ASN B 101 1.30 -10.75 19.53
N THR B 102 0.58 -11.85 19.76
CA THR B 102 -0.23 -12.47 18.72
C THR B 102 -1.73 -12.52 18.95
N VAL B 103 -2.19 -12.19 20.15
CA VAL B 103 -3.62 -12.23 20.51
C VAL B 103 -4.38 -10.90 20.59
N LEU B 104 -5.49 -10.83 19.87
CA LEU B 104 -6.31 -9.62 19.81
C LEU B 104 -7.28 -9.53 20.97
N PHE B 105 -7.79 -10.67 21.40
CA PHE B 105 -8.74 -10.72 22.51
C PHE B 105 -8.69 -12.08 23.17
N PRO B 106 -8.66 -12.13 24.51
CA PRO B 106 -8.67 -10.97 25.41
C PRO B 106 -7.26 -10.39 25.45
N ALA B 107 -7.10 -9.20 26.02
CA ALA B 107 -5.78 -8.61 26.11
C ALA B 107 -4.95 -9.47 27.06
N GLN B 108 -3.72 -9.79 26.65
CA GLN B 108 -2.85 -10.64 27.45
C GLN B 108 -1.97 -9.88 28.45
N SER B 109 -2.13 -10.20 29.72
CA SER B 109 -1.34 -9.57 30.77
C SER B 109 -0.47 -10.60 31.47
N GLY B 110 0.72 -10.16 31.87
CA GLY B 110 1.65 -11.03 32.56
C GLY B 110 1.97 -12.36 31.90
N SER B 111 2.59 -13.25 32.67
CA SER B 111 2.95 -14.57 32.20
C SER B 111 1.82 -15.52 32.57
N GLY B 112 1.19 -16.07 31.54
CA GLY B 112 0.07 -16.97 31.73
C GLY B 112 -1.05 -16.46 30.85
N VAL B 113 -1.38 -17.24 29.82
CA VAL B 113 -2.43 -16.91 28.86
C VAL B 113 -3.80 -16.62 29.46
N LYS B 114 -4.35 -15.45 29.14
CA LYS B 114 -5.69 -15.05 29.59
C LYS B 114 -6.65 -15.52 28.50
N VAL B 115 -7.63 -16.34 28.86
CA VAL B 115 -8.58 -16.85 27.86
C VAL B 115 -9.98 -16.27 28.07
N ALA B 116 -10.89 -16.55 27.14
CA ALA B 116 -12.27 -16.08 27.22
C ALA B 116 -13.23 -17.21 26.84
N THR B 117 -14.51 -17.04 27.17
CA THR B 117 -15.50 -18.07 26.85
C THR B 117 -15.66 -18.14 25.33
N GLU B 118 -16.18 -19.26 24.85
CA GLU B 118 -16.40 -19.39 23.41
C GLU B 118 -17.37 -18.30 23.01
N ALA B 119 -18.32 -17.99 23.88
CA ALA B 119 -19.32 -16.95 23.60
C ALA B 119 -18.66 -15.60 23.42
N GLU B 120 -18.04 -15.10 24.48
CA GLU B 120 -17.35 -13.81 24.46
C GLU B 120 -16.49 -13.70 23.22
N ALA B 121 -15.68 -14.74 22.99
CA ALA B 121 -14.78 -14.76 21.85
C ALA B 121 -15.55 -14.56 20.55
N ARG B 122 -16.52 -15.43 20.29
CA ARG B 122 -17.30 -15.32 19.06
C ARG B 122 -17.97 -13.97 18.92
N GLN B 123 -18.30 -13.36 20.05
CA GLN B 123 -18.93 -12.06 20.03
C GLN B 123 -17.96 -11.11 19.36
N TRP B 124 -16.77 -11.05 19.91
CA TRP B 124 -15.73 -10.19 19.37
C TRP B 124 -15.35 -10.60 17.95
N LEU B 125 -15.42 -11.90 17.71
CA LEU B 125 -15.11 -12.42 16.39
C LEU B 125 -16.03 -11.70 15.42
N SER B 126 -17.26 -11.47 15.87
CA SER B 126 -18.28 -10.79 15.07
C SER B 126 -18.08 -9.27 15.03
N GLU B 127 -17.78 -8.69 16.19
CA GLU B 127 -17.56 -7.27 16.28
C GLU B 127 -16.47 -6.83 15.30
N LEU B 128 -15.31 -7.46 15.42
CA LEU B 128 -14.18 -7.14 14.57
C LEU B 128 -14.35 -7.68 13.15
N ASN B 129 -15.42 -8.44 12.95
CA ASN B 129 -15.71 -9.01 11.64
C ASN B 129 -14.53 -9.82 11.10
N LEU B 130 -14.16 -10.86 11.84
CA LEU B 130 -13.06 -11.72 11.46
C LEU B 130 -13.55 -13.14 11.17
N PRO B 131 -12.82 -13.85 10.30
CA PRO B 131 -13.26 -15.21 9.99
C PRO B 131 -13.14 -16.17 11.17
N ASN B 132 -13.93 -17.23 11.17
CA ASN B 132 -13.92 -18.22 12.24
C ASN B 132 -12.54 -18.83 12.42
N SER B 133 -11.68 -18.64 11.43
CA SER B 133 -10.33 -19.18 11.49
C SER B 133 -9.51 -18.40 12.52
N CYS B 134 -10.03 -17.27 12.99
CA CYS B 134 -9.32 -16.43 13.96
C CYS B 134 -9.63 -16.83 15.39
N LEU B 135 -10.50 -17.82 15.53
CA LEU B 135 -10.90 -18.31 16.84
C LEU B 135 -10.12 -19.58 17.15
N LYS B 136 -9.23 -19.48 18.13
CA LYS B 136 -8.41 -20.62 18.55
C LYS B 136 -8.77 -20.95 19.98
N SER B 137 -8.68 -22.22 20.32
CA SER B 137 -8.98 -22.65 21.67
C SER B 137 -7.67 -22.74 22.45
N TYR B 138 -7.75 -22.53 23.75
CA TYR B 138 -6.57 -22.63 24.59
C TYR B 138 -7.02 -23.18 25.93
N GLY B 139 -6.74 -24.45 26.16
CA GLY B 139 -7.14 -25.06 27.41
C GLY B 139 -8.62 -24.93 27.68
N SER B 140 -8.93 -24.30 28.81
CA SER B 140 -10.32 -24.11 29.21
C SER B 140 -11.02 -22.96 28.52
N GLY B 141 -10.37 -22.29 27.59
CA GLY B 141 -11.02 -21.18 26.93
C GLY B 141 -10.72 -21.00 25.47
N TYR B 142 -10.85 -19.75 25.00
CA TYR B 142 -10.59 -19.40 23.60
C TYR B 142 -9.95 -18.03 23.56
N VAL B 143 -9.47 -17.67 22.39
CA VAL B 143 -8.87 -16.37 22.15
C VAL B 143 -9.08 -16.07 20.68
N VAL B 144 -8.92 -14.81 20.30
CA VAL B 144 -9.09 -14.40 18.91
C VAL B 144 -7.71 -13.97 18.40
N THR B 145 -7.26 -14.58 17.30
CA THR B 145 -5.94 -14.25 16.77
C THR B 145 -6.05 -13.54 15.45
N VAL B 146 -4.92 -13.08 14.95
CA VAL B 146 -4.88 -12.41 13.65
C VAL B 146 -5.31 -13.42 12.58
N ASP B 147 -5.63 -12.93 11.40
CA ASP B 147 -6.04 -13.82 10.33
C ASP B 147 -4.84 -14.10 9.44
N LEU B 148 -4.34 -15.33 9.48
CA LEU B 148 -3.19 -15.70 8.67
C LEU B 148 -3.58 -16.35 7.36
N THR B 149 -4.85 -16.69 7.21
CA THR B 149 -5.27 -17.34 5.99
C THR B 149 -4.60 -16.72 4.76
N PRO B 150 -4.54 -15.38 4.69
CA PRO B 150 -3.89 -14.71 3.55
C PRO B 150 -2.46 -15.21 3.35
N LEU B 151 -1.59 -14.94 4.33
CA LEU B 151 -0.20 -15.37 4.27
C LEU B 151 -0.09 -16.83 3.83
N GLN B 152 -0.82 -17.70 4.52
CA GLN B 152 -0.79 -19.11 4.19
C GLN B 152 -1.11 -19.31 2.72
N LYS B 153 -2.12 -18.60 2.23
CA LYS B 153 -2.47 -18.70 0.81
C LYS B 153 -1.30 -18.26 -0.08
N MET B 154 -0.63 -17.19 0.33
CA MET B 154 0.52 -16.69 -0.43
C MET B 154 1.54 -17.81 -0.59
N VAL B 155 1.89 -18.42 0.52
CA VAL B 155 2.84 -19.53 0.51
C VAL B 155 2.33 -20.66 -0.36
N GLN B 156 1.10 -21.12 -0.12
CA GLN B 156 0.54 -22.20 -0.94
C GLN B 156 0.73 -21.88 -2.41
N ASP B 157 0.49 -20.62 -2.76
CA ASP B 157 0.61 -20.13 -4.13
C ASP B 157 2.05 -20.23 -4.64
N ILE B 158 3.00 -19.86 -3.79
CA ILE B 158 4.40 -19.94 -4.15
C ILE B 158 4.85 -21.39 -4.43
N ASP B 159 4.25 -22.35 -3.75
CA ASP B 159 4.60 -23.74 -3.97
C ASP B 159 3.88 -24.23 -5.22
N GLY B 160 2.82 -23.53 -5.60
CA GLY B 160 2.09 -23.91 -6.80
C GLY B 160 2.93 -23.63 -8.02
N LEU B 161 3.88 -22.70 -7.89
CA LEU B 161 4.75 -22.33 -8.99
C LEU B 161 5.75 -23.41 -9.37
N GLY B 162 5.80 -24.48 -8.59
CA GLY B 162 6.75 -25.55 -8.86
C GLY B 162 8.05 -25.21 -8.15
N ALA B 163 8.94 -26.18 -8.01
CA ALA B 163 10.21 -25.94 -7.32
C ALA B 163 11.21 -25.20 -8.17
N PRO B 164 12.20 -24.56 -7.53
CA PRO B 164 13.24 -23.80 -8.22
C PRO B 164 14.37 -24.77 -8.61
N GLY B 165 14.92 -24.60 -9.80
CA GLY B 165 16.00 -25.47 -10.23
C GLY B 165 17.25 -25.30 -9.40
N LYS B 166 18.27 -26.12 -9.70
CA LYS B 166 19.54 -26.05 -8.99
C LYS B 166 19.99 -24.62 -9.16
N ASP B 167 19.61 -23.81 -8.17
CA ASP B 167 19.88 -22.38 -8.18
C ASP B 167 19.42 -21.97 -6.80
N SER B 168 18.12 -21.71 -6.71
CA SER B 168 17.46 -21.29 -5.47
C SER B 168 16.20 -20.59 -5.94
N LYS B 169 16.35 -19.88 -7.05
CA LYS B 169 15.27 -19.12 -7.65
C LYS B 169 14.49 -19.97 -8.65
N LEU B 170 13.38 -19.40 -9.11
CA LEU B 170 12.51 -20.06 -10.07
C LEU B 170 12.39 -19.16 -11.29
N GLU B 171 12.76 -19.70 -12.45
CA GLU B 171 12.67 -18.93 -13.68
C GLU B 171 11.33 -19.23 -14.32
N MET B 172 10.61 -18.18 -14.68
CA MET B 172 9.32 -18.35 -15.31
C MET B 172 9.06 -17.15 -16.21
N ASP B 173 8.32 -17.40 -17.30
CA ASP B 173 7.99 -16.34 -18.26
C ASP B 173 7.25 -15.20 -17.57
N ASN B 174 6.85 -14.20 -18.33
CA ASN B 174 6.16 -13.05 -17.77
C ASN B 174 4.65 -13.27 -17.77
N ALA B 175 4.24 -14.42 -18.27
CA ALA B 175 2.83 -14.77 -18.30
C ALA B 175 2.52 -15.35 -16.93
N LYS B 176 3.15 -16.48 -16.62
CA LYS B 176 2.98 -17.13 -15.34
C LYS B 176 3.29 -16.18 -14.19
N TYR B 177 4.21 -15.24 -14.43
CA TYR B 177 4.58 -14.29 -13.40
C TYR B 177 3.50 -13.27 -13.06
N GLN B 178 2.93 -12.64 -14.07
CA GLN B 178 1.88 -11.64 -13.86
C GLN B 178 0.63 -12.25 -13.28
N ALA B 179 0.37 -13.51 -13.62
CA ALA B 179 -0.80 -14.20 -13.09
C ALA B 179 -0.55 -14.31 -11.59
N TRP B 180 0.53 -14.99 -11.23
CA TRP B 180 0.93 -15.17 -9.84
C TRP B 180 0.97 -13.83 -9.11
N GLN B 181 1.58 -12.85 -9.75
CA GLN B 181 1.71 -11.50 -9.21
C GLN B 181 0.38 -10.88 -8.82
N SER B 182 -0.69 -11.20 -9.55
CA SER B 182 -1.99 -10.64 -9.24
C SER B 182 -2.53 -11.33 -7.98
N GLY B 183 -2.42 -12.66 -7.95
CA GLY B 183 -2.90 -13.44 -6.82
C GLY B 183 -2.21 -13.09 -5.50
N PHE B 184 -0.95 -12.66 -5.59
CA PHE B 184 -0.20 -12.30 -4.41
C PHE B 184 -0.70 -10.96 -3.89
N LYS B 185 -0.88 -10.02 -4.81
CA LYS B 185 -1.36 -8.70 -4.43
C LYS B 185 -2.75 -8.80 -3.82
N ALA B 186 -3.57 -9.72 -4.35
CA ALA B 186 -4.93 -9.93 -3.88
C ALA B 186 -4.96 -10.15 -2.36
N GLN B 187 -4.14 -11.09 -1.89
CA GLN B 187 -4.07 -11.40 -0.47
C GLN B 187 -3.51 -10.22 0.32
N GLU B 188 -2.53 -9.53 -0.24
CA GLU B 188 -1.96 -8.38 0.44
C GLU B 188 -3.07 -7.36 0.65
N GLU B 189 -4.09 -7.43 -0.20
CA GLU B 189 -5.21 -6.50 -0.09
C GLU B 189 -6.13 -6.78 1.09
N ASN B 190 -6.40 -8.07 1.34
CA ASN B 190 -7.26 -8.47 2.44
C ASN B 190 -6.68 -8.05 3.77
N MET B 191 -5.41 -8.35 3.96
CA MET B 191 -4.74 -7.98 5.19
C MET B 191 -4.85 -6.47 5.35
N LYS B 192 -4.71 -5.74 4.25
CA LYS B 192 -4.79 -4.29 4.29
C LYS B 192 -6.19 -3.84 4.74
N THR B 193 -7.23 -4.33 4.05
CA THR B 193 -8.60 -3.94 4.39
C THR B 193 -9.02 -4.42 5.77
N THR B 194 -8.55 -5.60 6.17
CA THR B 194 -8.87 -6.11 7.50
C THR B 194 -8.36 -5.05 8.47
N LEU B 195 -7.10 -4.66 8.31
CA LEU B 195 -6.51 -3.64 9.18
C LEU B 195 -7.26 -2.32 9.04
N GLN B 196 -7.80 -2.07 7.85
CA GLN B 196 -8.55 -0.86 7.57
C GLN B 196 -9.76 -0.87 8.49
N THR B 197 -10.57 -1.90 8.34
CA THR B 197 -11.76 -2.08 9.14
C THR B 197 -11.48 -1.92 10.62
N LEU B 198 -10.41 -2.56 11.08
CA LEU B 198 -10.09 -2.49 12.50
C LEU B 198 -9.65 -1.13 12.94
N THR B 199 -9.40 -0.22 12.00
CA THR B 199 -8.97 1.11 12.40
C THR B 199 -10.13 2.09 12.52
N GLN B 200 -11.09 1.99 11.61
CA GLN B 200 -12.25 2.87 11.67
C GLN B 200 -13.01 2.46 12.91
N LYS B 201 -13.07 1.15 13.17
CA LYS B 201 -13.77 0.64 14.33
C LYS B 201 -13.09 1.13 15.61
N TYR B 202 -11.76 1.14 15.62
CA TYR B 202 -11.05 1.63 16.79
C TYR B 202 -11.38 3.11 17.00
N SER B 203 -11.41 3.86 15.90
CA SER B 203 -11.73 5.28 15.96
C SER B 203 -13.17 5.51 16.41
N ASN B 204 -14.10 4.70 15.92
CA ASN B 204 -15.50 4.83 16.32
C ASN B 204 -15.60 4.61 17.81
N ALA B 205 -14.83 3.67 18.33
CA ALA B 205 -14.86 3.38 19.75
C ALA B 205 -14.16 4.47 20.52
N ASN B 206 -13.16 5.08 19.92
CA ASN B 206 -12.46 6.17 20.59
C ASN B 206 -13.37 7.39 20.67
N SER B 207 -14.02 7.70 19.55
CA SER B 207 -14.95 8.82 19.48
C SER B 207 -16.14 8.59 20.38
N LEU B 208 -16.60 7.35 20.45
CA LEU B 208 -17.71 7.03 21.31
C LEU B 208 -17.39 7.47 22.73
N TYR B 209 -16.23 7.05 23.25
CA TYR B 209 -15.85 7.40 24.62
C TYR B 209 -15.85 8.91 24.80
N ASP B 210 -15.27 9.63 23.85
CA ASP B 210 -15.22 11.08 23.90
C ASP B 210 -16.60 11.71 24.02
N ASN B 211 -17.53 11.26 23.19
CA ASN B 211 -18.87 11.80 23.22
C ASN B 211 -19.58 11.49 24.53
N LEU B 212 -19.30 10.33 25.10
CA LEU B 212 -19.92 9.96 26.37
C LEU B 212 -19.46 10.92 27.45
N VAL B 213 -18.16 11.19 27.49
CA VAL B 213 -17.62 12.08 28.49
C VAL B 213 -18.16 13.49 28.31
N LYS B 214 -18.36 13.88 27.06
CA LYS B 214 -18.89 15.20 26.78
C LYS B 214 -20.27 15.23 27.42
N VAL B 215 -21.15 14.36 26.93
CA VAL B 215 -22.51 14.24 27.43
C VAL B 215 -22.57 14.23 28.97
N LEU B 216 -21.54 13.73 29.62
CA LEU B 216 -21.52 13.64 31.07
C LEU B 216 -20.93 14.81 31.83
N SER B 217 -19.85 15.41 31.31
CA SER B 217 -19.23 16.54 31.99
C SER B 217 -20.28 17.55 32.43
N SER B 218 -21.19 17.88 31.51
CA SER B 218 -22.29 18.81 31.77
C SER B 218 -22.95 19.23 30.45
N THR B 219 -22.30 18.87 29.33
CA THR B 219 -22.82 19.19 27.99
C THR B 219 -24.13 18.42 27.78
N ILE B 220 -24.64 17.83 28.77
#